data_2HNV
#
_entry.id   2HNV
#
_cell.length_a   110.904
_cell.length_b   110.904
_cell.length_c   126.682
_cell.angle_alpha   90.000
_cell.angle_beta   90.000
_cell.angle_gamma   120.000
#
_symmetry.space_group_name_H-M   'P 62 2 2'
#
loop_
_entity.id
_entity.type
_entity.pdbx_description
1 polymer 'Oxytocin-neurophysin 1'
2 non-polymer PHENYLALANINE
3 non-polymer TYROSINE
4 water water
#
_entity_poly.entity_id   1
_entity_poly.type   'polypeptide(L)'
_entity_poly.pdbx_seq_one_letter_code
;VRTCLPCGPGGKGRCFGPSICCGDELGCFVGTAEALRCQEENYLPSPCQSGVKPCGSGGRCAAAGICCSPDGCHEDPACD
P
;
_entity_poly.pdbx_strand_id   A,B,C,D,E
#
# COMPACT_ATOMS: atom_id res chain seq x y z
N VAL A 1 7.13 -1.48 -6.72
CA VAL A 1 7.79 -1.59 -5.39
C VAL A 1 8.97 -0.62 -5.35
N ARG A 2 9.68 -0.57 -4.24
CA ARG A 2 10.79 0.36 -4.12
C ARG A 2 11.98 0.05 -5.03
N THR A 3 12.75 1.09 -5.33
CA THR A 3 13.94 0.95 -6.15
C THR A 3 14.95 0.30 -5.22
N CYS A 4 15.89 -0.44 -5.78
CA CYS A 4 16.89 -1.09 -4.94
C CYS A 4 17.91 -0.07 -4.40
N LEU A 5 18.76 -0.51 -3.49
CA LEU A 5 19.77 0.34 -2.88
C LEU A 5 20.60 1.14 -3.85
N PRO A 6 20.98 2.36 -3.46
CA PRO A 6 21.80 3.23 -4.32
C PRO A 6 23.21 2.66 -4.27
N CYS A 7 24.04 2.98 -5.25
CA CYS A 7 25.40 2.44 -5.30
C CYS A 7 26.26 3.20 -6.29
N GLY A 8 27.56 2.91 -6.29
CA GLY A 8 28.47 3.55 -7.22
C GLY A 8 28.84 5.01 -7.01
N PRO A 9 29.55 5.61 -7.98
CA PRO A 9 29.99 7.00 -7.92
C PRO A 9 28.88 7.96 -7.52
N GLY A 10 29.07 8.60 -6.37
CA GLY A 10 28.10 9.56 -5.87
C GLY A 10 26.67 9.08 -5.80
N GLY A 11 26.48 7.83 -5.40
CA GLY A 11 25.14 7.28 -5.31
C GLY A 11 24.30 7.35 -6.58
N LYS A 12 24.92 7.67 -7.71
CA LYS A 12 24.21 7.77 -8.99
C LYS A 12 23.66 6.43 -9.47
N GLY A 13 24.24 5.33 -9.02
CA GLY A 13 23.77 4.03 -9.47
C GLY A 13 22.74 3.38 -8.57
N ARG A 14 22.09 2.34 -9.11
CA ARG A 14 21.09 1.59 -8.38
C ARG A 14 21.43 0.14 -8.58
N CYS A 15 21.00 -0.72 -7.65
CA CYS A 15 21.34 -2.12 -7.77
C CYS A 15 20.33 -2.90 -8.60
N PHE A 16 20.84 -3.81 -9.44
CA PHE A 16 19.97 -4.64 -10.25
C PHE A 16 20.14 -6.08 -9.81
N GLY A 17 21.11 -6.27 -8.92
CA GLY A 17 21.41 -7.58 -8.37
C GLY A 17 22.51 -7.49 -7.32
N PRO A 18 22.80 -8.59 -6.61
CA PRO A 18 23.83 -8.71 -5.55
C PRO A 18 25.19 -8.10 -5.90
N SER A 19 25.61 -8.22 -7.15
CA SER A 19 26.88 -7.64 -7.54
C SER A 19 26.75 -6.80 -8.82
N ILE A 20 25.59 -6.19 -9.01
CA ILE A 20 25.37 -5.38 -10.20
C ILE A 20 24.88 -3.98 -9.83
N CYS A 21 25.67 -2.98 -10.21
CA CYS A 21 25.31 -1.60 -9.92
C CYS A 21 25.31 -0.84 -11.24
N CYS A 22 24.18 -0.26 -11.61
CA CYS A 22 24.11 0.48 -12.87
C CYS A 22 23.48 1.87 -12.79
N GLY A 23 23.82 2.69 -13.77
CA GLY A 23 23.29 4.04 -13.88
C GLY A 23 23.27 4.42 -15.36
N ASP A 24 22.29 5.21 -15.79
CA ASP A 24 22.19 5.61 -17.20
C ASP A 24 23.46 6.28 -17.71
N GLU A 25 24.02 7.16 -16.90
CA GLU A 25 25.25 7.88 -17.28
C GLU A 25 26.51 7.26 -16.69
N LEU A 26 26.37 6.11 -16.04
CA LEU A 26 27.51 5.43 -15.42
C LEU A 26 27.84 4.10 -16.08
N GLY A 27 26.82 3.42 -16.61
CA GLY A 27 27.03 2.12 -17.20
C GLY A 27 26.81 1.13 -16.06
N CYS A 28 27.29 -0.11 -16.22
CA CYS A 28 27.10 -1.09 -15.17
C CYS A 28 28.41 -1.61 -14.58
N PHE A 29 28.43 -1.76 -13.25
CA PHE A 29 29.59 -2.26 -12.53
C PHE A 29 29.18 -3.64 -12.07
N VAL A 30 29.79 -4.65 -12.65
CA VAL A 30 29.44 -6.02 -12.30
C VAL A 30 30.56 -6.73 -11.53
N GLY A 31 30.34 -6.88 -10.23
CA GLY A 31 31.31 -7.54 -9.38
C GLY A 31 32.41 -6.61 -8.95
N THR A 32 32.33 -5.35 -9.36
CA THR A 32 33.33 -4.37 -8.96
C THR A 32 33.04 -3.88 -7.54
N ALA A 33 33.95 -3.07 -7.00
CA ALA A 33 33.78 -2.52 -5.67
C ALA A 33 32.51 -1.66 -5.63
N GLU A 34 32.23 -0.96 -6.72
CA GLU A 34 31.04 -0.10 -6.79
C GLU A 34 29.75 -0.84 -6.50
N ALA A 35 29.72 -2.14 -6.75
CA ALA A 35 28.50 -2.92 -6.53
C ALA A 35 28.44 -3.69 -5.20
N LEU A 36 29.46 -3.52 -4.36
CA LEU A 36 29.48 -4.21 -3.08
C LEU A 36 28.25 -4.00 -2.19
N ARG A 37 27.76 -2.77 -2.05
CA ARG A 37 26.58 -2.53 -1.21
C ARG A 37 25.37 -3.28 -1.73
N CYS A 38 25.35 -3.57 -3.02
CA CYS A 38 24.23 -4.28 -3.62
C CYS A 38 23.95 -5.64 -3.00
N GLN A 39 24.95 -6.28 -2.42
CA GLN A 39 24.73 -7.58 -1.81
C GLN A 39 23.96 -7.42 -0.50
N GLU A 40 23.79 -6.18 -0.06
CA GLU A 40 23.07 -5.91 1.17
C GLU A 40 21.55 -6.02 1.00
N GLU A 41 21.06 -5.83 -0.23
CA GLU A 41 19.64 -5.97 -0.52
C GLU A 41 19.16 -7.31 -0.01
N ASN A 42 20.00 -8.33 -0.18
CA ASN A 42 19.69 -9.70 0.25
C ASN A 42 19.18 -9.74 1.68
N TYR A 43 19.64 -8.80 2.51
CA TYR A 43 19.23 -8.77 3.91
C TYR A 43 17.94 -8.00 4.14
N LEU A 44 17.49 -7.25 3.14
CA LEU A 44 16.26 -6.46 3.26
C LEU A 44 15.04 -7.31 2.94
N PRO A 45 14.11 -7.42 3.89
CA PRO A 45 12.88 -8.21 3.76
C PRO A 45 11.83 -7.67 2.78
N SER A 46 12.10 -6.53 2.16
CA SER A 46 11.14 -5.96 1.21
C SER A 46 11.66 -6.12 -0.22
N PRO A 47 10.75 -6.33 -1.18
CA PRO A 47 11.15 -6.48 -2.58
C PRO A 47 11.52 -5.14 -3.21
N CYS A 48 12.47 -5.17 -4.14
CA CYS A 48 12.92 -3.98 -4.82
C CYS A 48 13.10 -4.29 -6.29
N GLN A 49 13.18 -3.25 -7.09
CA GLN A 49 13.39 -3.43 -8.52
C GLN A 49 13.89 -2.12 -9.06
N SER A 50 14.98 -2.18 -9.82
CA SER A 50 15.54 -0.97 -10.41
C SER A 50 15.18 -0.94 -11.90
N GLY A 51 15.61 0.11 -12.61
CA GLY A 51 15.28 0.21 -14.02
C GLY A 51 13.81 0.50 -14.16
N VAL A 52 13.37 0.85 -15.38
CA VAL A 52 11.96 1.16 -15.61
C VAL A 52 11.33 0.28 -16.68
N LYS A 53 12.08 -0.01 -17.74
CA LYS A 53 11.60 -0.84 -18.84
C LYS A 53 12.17 -2.26 -18.86
N PRO A 54 11.29 -3.29 -18.88
CA PRO A 54 11.74 -4.68 -18.88
C PRO A 54 12.42 -5.04 -20.20
N CYS A 55 13.25 -6.06 -20.19
CA CYS A 55 13.98 -6.48 -21.39
C CYS A 55 14.46 -7.90 -21.20
N GLY A 56 15.01 -8.47 -22.27
CA GLY A 56 15.51 -9.84 -22.20
C GLY A 56 14.64 -10.77 -21.37
N SER A 57 15.29 -11.70 -20.68
CA SER A 57 14.59 -12.68 -19.85
C SER A 57 14.67 -12.32 -18.37
N GLY A 58 13.67 -11.58 -17.90
CA GLY A 58 13.65 -11.18 -16.50
C GLY A 58 14.62 -10.07 -16.18
N GLY A 59 15.01 -9.32 -17.22
CA GLY A 59 15.94 -8.23 -17.02
C GLY A 59 15.28 -6.87 -17.16
N ARG A 60 16.05 -5.82 -16.93
CA ARG A 60 15.53 -4.46 -17.05
C ARG A 60 16.61 -3.56 -17.57
N CYS A 61 16.23 -2.64 -18.44
CA CYS A 61 17.18 -1.70 -19.00
C CYS A 61 17.85 -1.00 -17.83
N ALA A 62 19.18 -1.13 -17.75
CA ALA A 62 19.95 -0.54 -16.67
C ALA A 62 20.82 0.62 -17.12
N ALA A 63 21.18 0.63 -18.40
CA ALA A 63 22.00 1.70 -18.96
C ALA A 63 21.88 1.71 -20.47
N ALA A 64 22.45 2.72 -21.09
CA ALA A 64 22.43 2.86 -22.54
C ALA A 64 22.66 1.52 -23.22
N GLY A 65 21.62 1.02 -23.90
CA GLY A 65 21.70 -0.24 -24.61
C GLY A 65 22.14 -1.45 -23.79
N ILE A 66 21.85 -1.45 -22.49
CA ILE A 66 22.25 -2.57 -21.64
C ILE A 66 21.10 -3.08 -20.78
N CYS A 67 20.92 -4.40 -20.80
CA CYS A 67 19.85 -5.06 -20.05
C CYS A 67 20.46 -5.92 -18.94
N CYS A 68 19.95 -5.78 -17.73
CA CYS A 68 20.48 -6.59 -16.62
C CYS A 68 19.38 -7.23 -15.82
N SER A 69 19.67 -8.44 -15.37
CA SER A 69 18.77 -9.20 -14.53
C SER A 69 19.64 -9.29 -13.27
N PRO A 70 19.09 -9.80 -12.17
CA PRO A 70 19.89 -9.89 -10.95
C PRO A 70 21.21 -10.65 -11.07
N ASP A 71 21.40 -11.42 -12.14
CA ASP A 71 22.65 -12.18 -12.26
C ASP A 71 23.48 -11.97 -13.54
N GLY A 72 23.15 -10.95 -14.32
CA GLY A 72 23.93 -10.70 -15.52
C GLY A 72 23.48 -9.48 -16.30
N CYS A 73 24.29 -9.05 -17.25
CA CYS A 73 23.96 -7.91 -18.11
C CYS A 73 24.47 -8.25 -19.51
N HIS A 74 23.74 -7.83 -20.54
CA HIS A 74 24.13 -8.07 -21.92
C HIS A 74 23.70 -6.87 -22.75
N GLU A 75 24.34 -6.66 -23.90
CA GLU A 75 23.99 -5.55 -24.78
C GLU A 75 22.59 -5.84 -25.30
N ASP A 76 21.71 -4.86 -25.21
CA ASP A 76 20.34 -5.03 -25.67
C ASP A 76 19.85 -3.76 -26.37
N PRO A 77 19.65 -3.84 -27.69
CA PRO A 77 19.19 -2.71 -28.50
C PRO A 77 17.89 -2.11 -27.96
N ALA A 78 16.99 -2.99 -27.51
CA ALA A 78 15.72 -2.54 -26.94
C ALA A 78 15.98 -1.51 -25.86
N CYS A 79 17.14 -1.64 -25.21
CA CYS A 79 17.51 -0.74 -24.14
C CYS A 79 18.31 0.47 -24.60
N ASP A 80 18.19 0.82 -25.88
CA ASP A 80 18.91 1.97 -26.40
C ASP A 80 18.15 3.26 -26.15
N PRO A 81 18.87 4.37 -25.93
CA PRO A 81 18.33 5.70 -25.66
C PRO A 81 17.23 6.14 -26.65
N VAL B 1 46.54 -17.13 -29.31
CA VAL B 1 45.73 -15.93 -29.63
C VAL B 1 46.04 -14.77 -28.70
N ARG B 2 46.41 -13.64 -29.29
CA ARG B 2 46.73 -12.45 -28.52
C ARG B 2 45.66 -12.11 -27.50
N THR B 3 46.08 -11.53 -26.38
CA THR B 3 45.14 -11.12 -25.35
C THR B 3 44.66 -9.73 -25.73
N CYS B 4 43.40 -9.44 -25.43
CA CYS B 4 42.84 -8.14 -25.76
C CYS B 4 43.49 -7.02 -24.96
N LEU B 5 43.31 -5.79 -25.43
CA LEU B 5 43.89 -4.65 -24.76
C LEU B 5 43.63 -4.62 -23.27
N PRO B 6 44.61 -4.12 -22.50
CA PRO B 6 44.51 -4.00 -21.04
C PRO B 6 43.63 -2.79 -20.75
N CYS B 7 43.04 -2.70 -19.57
CA CYS B 7 42.15 -1.58 -19.27
C CYS B 7 41.88 -1.47 -17.77
N GLY B 8 41.15 -0.42 -17.38
CA GLY B 8 40.79 -0.23 -16.00
C GLY B 8 41.84 0.21 -15.00
N PRO B 9 41.47 0.30 -13.70
CA PRO B 9 42.34 0.71 -12.60
C PRO B 9 43.72 0.05 -12.61
N GLY B 10 44.75 0.87 -12.73
CA GLY B 10 46.12 0.36 -12.76
C GLY B 10 46.35 -0.57 -13.92
N GLY B 11 45.50 -0.45 -14.94
CA GLY B 11 45.61 -1.30 -16.11
C GLY B 11 45.60 -2.75 -15.71
N LYS B 12 44.99 -3.05 -14.57
CA LYS B 12 44.93 -4.42 -14.06
C LYS B 12 43.86 -5.31 -14.70
N GLY B 13 43.11 -4.77 -15.66
CA GLY B 13 42.09 -5.56 -16.31
C GLY B 13 42.32 -5.69 -17.80
N ARG B 14 41.62 -6.64 -18.43
CA ARG B 14 41.71 -6.85 -19.87
C ARG B 14 40.32 -6.69 -20.49
N CYS B 15 40.28 -6.29 -21.75
CA CYS B 15 39.01 -6.13 -22.44
C CYS B 15 38.41 -7.48 -22.86
N PHE B 16 37.11 -7.65 -22.70
CA PHE B 16 36.45 -8.88 -23.11
C PHE B 16 35.47 -8.56 -24.21
N GLY B 17 35.33 -7.27 -24.50
CA GLY B 17 34.42 -6.81 -25.52
C GLY B 17 34.61 -5.33 -25.75
N PRO B 18 34.01 -4.75 -26.79
CA PRO B 18 34.14 -3.33 -27.10
C PRO B 18 33.89 -2.43 -25.90
N SER B 19 32.99 -2.84 -25.02
CA SER B 19 32.70 -2.04 -23.83
C SER B 19 32.62 -2.85 -22.53
N ILE B 20 33.50 -3.85 -22.40
CA ILE B 20 33.57 -4.70 -21.22
C ILE B 20 35.02 -4.85 -20.76
N CYS B 21 35.31 -4.36 -19.55
CA CYS B 21 36.65 -4.45 -18.97
C CYS B 21 36.62 -5.18 -17.63
N CYS B 22 37.32 -6.32 -17.56
CA CYS B 22 37.38 -7.10 -16.32
C CYS B 22 38.80 -7.47 -15.87
N GLY B 23 38.88 -7.88 -14.61
CA GLY B 23 40.12 -8.30 -14.00
C GLY B 23 39.78 -9.09 -12.74
N ASP B 24 40.60 -10.09 -12.41
CA ASP B 24 40.32 -10.89 -11.23
C ASP B 24 40.27 -10.08 -9.95
N GLU B 25 40.94 -8.93 -9.92
CA GLU B 25 40.89 -8.14 -8.69
C GLU B 25 40.09 -6.86 -8.90
N LEU B 26 39.32 -6.83 -9.97
CA LEU B 26 38.53 -5.65 -10.29
C LEU B 26 37.05 -5.90 -10.47
N GLY B 27 36.71 -7.07 -10.99
CA GLY B 27 35.32 -7.38 -11.29
C GLY B 27 35.19 -6.97 -12.75
N CYS B 28 33.98 -6.63 -13.19
CA CYS B 28 33.79 -6.23 -14.58
C CYS B 28 33.09 -4.90 -14.73
N PHE B 29 33.62 -4.08 -15.64
CA PHE B 29 33.04 -2.79 -15.94
C PHE B 29 32.37 -2.95 -17.30
N VAL B 30 31.05 -2.77 -17.32
CA VAL B 30 30.27 -2.95 -18.53
C VAL B 30 29.68 -1.62 -18.95
N GLY B 31 30.25 -1.02 -19.98
CA GLY B 31 29.77 0.24 -20.49
C GLY B 31 30.10 1.44 -19.61
N THR B 32 31.02 1.27 -18.66
CA THR B 32 31.41 2.38 -17.79
C THR B 32 32.63 3.02 -18.44
N ALA B 33 33.11 4.12 -17.87
CA ALA B 33 34.26 4.81 -18.44
C ALA B 33 35.47 3.89 -18.55
N GLU B 34 35.65 3.05 -17.55
CA GLU B 34 36.77 2.12 -17.50
C GLU B 34 36.86 1.24 -18.73
N ALA B 35 35.73 1.04 -19.41
CA ALA B 35 35.72 0.19 -20.60
C ALA B 35 35.68 0.92 -21.92
N LEU B 36 35.75 2.25 -21.90
CA LEU B 36 35.72 3.03 -23.14
C LEU B 36 36.94 2.68 -23.99
N ARG B 37 38.07 2.52 -23.32
CA ARG B 37 39.35 2.19 -23.93
C ARG B 37 39.25 0.94 -24.79
N CYS B 38 38.38 0.02 -24.38
CA CYS B 38 38.19 -1.24 -25.09
C CYS B 38 37.59 -1.12 -26.49
N GLN B 39 37.11 0.07 -26.82
CA GLN B 39 36.53 0.31 -28.13
C GLN B 39 37.62 0.39 -29.18
N GLU B 40 38.85 0.51 -28.72
CA GLU B 40 39.99 0.60 -29.63
C GLU B 40 40.27 -0.74 -30.27
N GLU B 41 40.06 -1.81 -29.50
CA GLU B 41 40.34 -3.16 -29.98
C GLU B 41 39.69 -3.47 -31.32
N ASN B 42 38.53 -2.89 -31.58
CA ASN B 42 37.84 -3.16 -32.83
C ASN B 42 38.42 -2.50 -34.07
N TYR B 43 39.44 -1.65 -33.88
CA TYR B 43 40.11 -1.02 -35.01
C TYR B 43 41.51 -1.63 -35.14
N LEU B 44 41.65 -2.83 -34.60
CA LEU B 44 42.91 -3.58 -34.63
C LEU B 44 42.71 -4.80 -35.51
N PRO B 45 43.60 -5.00 -36.50
CA PRO B 45 43.62 -6.10 -37.47
C PRO B 45 43.52 -7.53 -36.96
N SER B 46 44.37 -7.91 -36.01
CA SER B 46 44.37 -9.27 -35.49
C SER B 46 43.29 -9.53 -34.44
N PRO B 47 42.88 -10.80 -34.28
CA PRO B 47 41.86 -11.20 -33.30
C PRO B 47 42.51 -11.34 -31.93
N CYS B 48 41.78 -10.96 -30.87
CA CYS B 48 42.31 -11.06 -29.52
C CYS B 48 41.36 -11.86 -28.66
N GLN B 49 41.86 -12.36 -27.54
CA GLN B 49 41.04 -13.13 -26.62
C GLN B 49 41.52 -12.89 -25.20
N SER B 50 40.56 -12.70 -24.30
CA SER B 50 40.88 -12.46 -22.90
C SER B 50 40.31 -13.58 -22.06
N GLY B 51 40.92 -13.82 -20.91
CA GLY B 51 40.45 -14.89 -20.05
C GLY B 51 41.06 -16.19 -20.52
N VAL B 52 40.85 -17.26 -19.76
CA VAL B 52 41.44 -18.55 -20.11
C VAL B 52 40.44 -19.69 -20.16
N LYS B 53 39.53 -19.71 -19.20
CA LYS B 53 38.54 -20.77 -19.12
C LYS B 53 37.23 -20.47 -19.84
N PRO B 54 36.81 -21.35 -20.75
CA PRO B 54 35.56 -21.17 -21.49
C PRO B 54 34.42 -21.39 -20.53
N CYS B 55 33.35 -20.61 -20.69
CA CYS B 55 32.19 -20.72 -19.82
C CYS B 55 30.95 -20.29 -20.59
N GLY B 56 29.79 -20.64 -20.06
CA GLY B 56 28.54 -20.27 -20.71
C GLY B 56 28.51 -20.58 -22.19
N SER B 57 27.88 -19.69 -22.95
CA SER B 57 27.77 -19.85 -24.40
C SER B 57 28.68 -18.87 -25.12
N GLY B 58 29.91 -19.30 -25.38
CA GLY B 58 30.86 -18.45 -26.08
C GLY B 58 31.56 -17.43 -25.19
N GLY B 59 31.43 -17.59 -23.88
CA GLY B 59 32.07 -16.66 -22.97
C GLY B 59 33.34 -17.19 -22.33
N ARG B 60 33.94 -16.36 -21.50
CA ARG B 60 35.15 -16.75 -20.78
C ARG B 60 35.15 -16.15 -19.38
N CYS B 61 35.63 -16.94 -18.43
CA CYS B 61 35.71 -16.46 -17.06
C CYS B 61 36.55 -15.20 -17.12
N ALA B 62 36.01 -14.11 -16.59
CA ALA B 62 36.71 -12.84 -16.63
C ALA B 62 37.04 -12.33 -15.24
N ALA B 63 36.30 -12.83 -14.24
CA ALA B 63 36.51 -12.44 -12.86
C ALA B 63 35.92 -13.50 -11.95
N ALA B 64 36.15 -13.34 -10.65
CA ALA B 64 35.63 -14.29 -9.67
C ALA B 64 34.14 -14.52 -9.90
N GLY B 65 33.79 -15.77 -10.23
CA GLY B 65 32.41 -16.12 -10.46
C GLY B 65 31.68 -15.35 -11.54
N ILE B 66 32.42 -14.80 -12.51
CA ILE B 66 31.77 -14.06 -13.57
C ILE B 66 32.26 -14.52 -14.95
N CYS B 67 31.30 -14.77 -15.83
CA CYS B 67 31.56 -15.24 -17.19
C CYS B 67 31.19 -14.19 -18.24
N CYS B 68 32.14 -13.76 -19.05
CA CYS B 68 31.82 -12.76 -20.07
C CYS B 68 32.10 -13.15 -21.52
N SER B 69 31.29 -12.58 -22.40
CA SER B 69 31.42 -12.76 -23.84
C SER B 69 31.50 -11.29 -24.24
N PRO B 70 31.83 -11.01 -25.51
CA PRO B 70 31.91 -9.59 -25.89
C PRO B 70 30.58 -8.83 -25.74
N ASP B 71 29.50 -9.57 -25.52
CA ASP B 71 28.16 -8.98 -25.40
C ASP B 71 27.68 -8.77 -23.98
N GLY B 72 28.28 -9.45 -23.03
CA GLY B 72 27.83 -9.29 -21.66
C GLY B 72 28.47 -10.24 -20.68
N CYS B 73 28.02 -10.14 -19.43
CA CYS B 73 28.55 -10.96 -18.37
C CYS B 73 27.43 -11.50 -17.49
N HIS B 74 27.61 -12.72 -16.99
CA HIS B 74 26.63 -13.33 -16.10
C HIS B 74 27.36 -14.13 -15.03
N GLU B 75 26.66 -14.39 -13.93
CA GLU B 75 27.23 -15.16 -12.82
C GLU B 75 27.41 -16.61 -13.24
N ASP B 76 28.55 -17.19 -12.89
CA ASP B 76 28.84 -18.57 -13.25
C ASP B 76 29.78 -19.21 -12.24
N PRO B 77 29.26 -20.16 -11.43
CA PRO B 77 30.03 -20.87 -10.40
C PRO B 77 31.29 -21.47 -10.98
N ALA B 78 31.19 -21.95 -12.22
CA ALA B 78 32.31 -22.57 -12.91
C ALA B 78 33.49 -21.62 -12.94
N CYS B 79 33.20 -20.33 -12.82
CA CYS B 79 34.24 -19.32 -12.85
C CYS B 79 34.77 -18.92 -11.48
N ASP B 80 34.33 -19.62 -10.43
CA ASP B 80 34.80 -19.31 -9.09
C ASP B 80 36.26 -19.70 -8.92
N PRO B 81 36.96 -19.08 -7.95
CA PRO B 81 38.38 -19.35 -7.68
C PRO B 81 38.68 -20.79 -7.19
N VAL C 1 -33.85 4.60 40.01
CA VAL C 1 -33.44 6.03 39.92
C VAL C 1 -34.26 6.78 38.86
N ARG C 2 -33.87 8.03 38.60
CA ARG C 2 -34.57 8.85 37.61
C ARG C 2 -34.21 8.48 36.18
N THR C 3 -35.07 8.89 35.25
CA THR C 3 -34.84 8.65 33.83
C THR C 3 -33.81 9.66 33.38
N CYS C 4 -32.93 9.27 32.47
CA CYS C 4 -31.90 10.17 31.97
C CYS C 4 -32.55 11.22 31.07
N LEU C 5 -31.80 12.27 30.79
CA LEU C 5 -32.26 13.39 29.95
C LEU C 5 -32.89 13.01 28.62
N PRO C 6 -33.93 13.74 28.20
CA PRO C 6 -34.59 13.45 26.92
C PRO C 6 -33.68 14.02 25.82
N CYS C 7 -33.97 13.69 24.56
CA CYS C 7 -33.11 14.15 23.48
C CYS C 7 -33.73 13.90 22.10
N GLY C 8 -33.11 14.49 21.08
CA GLY C 8 -33.60 14.30 19.73
C GLY C 8 -34.83 15.11 19.36
N PRO C 9 -35.44 14.83 18.20
CA PRO C 9 -36.63 15.51 17.68
C PRO C 9 -37.71 15.79 18.71
N GLY C 10 -37.76 17.05 19.16
CA GLY C 10 -38.74 17.45 20.14
C GLY C 10 -38.73 16.62 21.41
N GLY C 11 -37.54 16.41 21.95
CA GLY C 11 -37.41 15.62 23.16
C GLY C 11 -38.21 14.33 23.17
N LYS C 12 -38.31 13.69 22.00
CA LYS C 12 -39.05 12.44 21.89
C LYS C 12 -38.17 11.23 22.21
N GLY C 13 -36.90 11.48 22.54
CA GLY C 13 -35.99 10.39 22.86
C GLY C 13 -35.36 10.51 24.24
N ARG C 14 -34.69 9.46 24.67
CA ARG C 14 -34.03 9.43 25.97
C ARG C 14 -32.58 8.96 25.86
N CYS C 15 -31.71 9.55 26.66
CA CYS C 15 -30.31 9.19 26.64
C CYS C 15 -30.05 7.85 27.32
N PHE C 16 -29.37 6.95 26.63
CA PHE C 16 -29.05 5.65 27.21
C PHE C 16 -27.58 5.59 27.53
N GLY C 17 -26.87 6.66 27.15
CA GLY C 17 -25.45 6.75 27.39
C GLY C 17 -24.95 8.10 26.90
N PRO C 18 -23.70 8.48 27.24
CA PRO C 18 -23.08 9.76 26.85
C PRO C 18 -23.37 10.21 25.43
N SER C 19 -23.34 9.30 24.47
CA SER C 19 -23.63 9.67 23.10
C SER C 19 -24.60 8.73 22.42
N ILE C 20 -25.66 8.36 23.15
CA ILE C 20 -26.70 7.50 22.62
C ILE C 20 -28.05 8.08 23.00
N CYS C 21 -28.89 8.30 22.00
CA CYS C 21 -30.23 8.84 22.22
C CYS C 21 -31.23 7.98 21.45
N CYS C 22 -32.13 7.33 22.18
CA CYS C 22 -33.11 6.48 21.51
C CYS C 22 -34.55 6.85 21.82
N GLY C 23 -35.46 6.34 21.00
CA GLY C 23 -36.88 6.59 21.17
C GLY C 23 -37.66 5.57 20.39
N ASP C 24 -38.69 5.01 21.02
CA ASP C 24 -39.53 3.98 20.38
C ASP C 24 -39.92 4.25 18.92
N GLU C 25 -40.30 5.50 18.63
CA GLU C 25 -40.71 5.85 17.27
C GLU C 25 -39.54 6.22 16.38
N LEU C 26 -38.77 7.21 16.85
CA LEU C 26 -37.60 7.69 16.12
C LEU C 26 -36.62 6.57 15.76
N GLY C 27 -35.97 6.05 16.80
CA GLY C 27 -34.99 5.01 16.64
C GLY C 27 -33.86 5.36 17.60
N CYS C 28 -32.63 5.04 17.23
CA CYS C 28 -31.50 5.38 18.09
C CYS C 28 -30.49 6.26 17.38
N PHE C 29 -29.90 7.19 18.11
CA PHE C 29 -28.90 8.08 17.56
C PHE C 29 -27.60 7.85 18.31
N VAL C 30 -26.65 7.19 17.64
CA VAL C 30 -25.36 6.91 18.24
C VAL C 30 -24.29 7.81 17.60
N GLY C 31 -23.83 8.78 18.37
CA GLY C 31 -22.81 9.69 17.89
C GLY C 31 -23.28 10.84 17.02
N THR C 32 -24.57 10.90 16.71
CA THR C 32 -25.05 12.01 15.89
C THR C 32 -25.30 13.24 16.76
N ALA C 33 -25.58 14.37 16.12
CA ALA C 33 -25.82 15.60 16.86
C ALA C 33 -26.99 15.43 17.83
N GLU C 34 -28.00 14.67 17.40
CA GLU C 34 -29.19 14.40 18.22
C GLU C 34 -28.89 13.88 19.63
N ALA C 35 -27.69 13.34 19.83
CA ALA C 35 -27.32 12.79 21.14
C ALA C 35 -26.19 13.57 21.83
N LEU C 36 -25.95 14.80 21.39
CA LEU C 36 -24.91 15.60 21.99
C LEU C 36 -25.23 16.03 23.40
N ARG C 37 -26.53 16.14 23.70
CA ARG C 37 -26.97 16.53 25.04
C ARG C 37 -26.70 15.43 26.06
N CYS C 38 -26.56 14.20 25.58
CA CYS C 38 -26.32 13.07 26.46
C CYS C 38 -24.97 13.10 27.16
N GLN C 39 -24.12 14.06 26.79
CA GLN C 39 -22.81 14.18 27.42
C GLN C 39 -22.98 14.85 28.77
N GLU C 40 -24.07 15.60 28.91
CA GLU C 40 -24.37 16.32 30.13
C GLU C 40 -24.58 15.45 31.37
N GLU C 41 -25.21 14.29 31.19
CA GLU C 41 -25.44 13.40 32.33
C GLU C 41 -24.14 13.27 33.12
N ASN C 42 -23.03 13.14 32.40
CA ASN C 42 -21.72 13.00 33.01
C ASN C 42 -21.41 14.07 34.07
N TYR C 43 -22.22 15.13 34.11
CA TYR C 43 -22.01 16.19 35.08
C TYR C 43 -22.96 16.09 36.27
N LEU C 44 -24.05 15.36 36.09
CA LEU C 44 -25.05 15.19 37.15
C LEU C 44 -24.60 14.11 38.14
N PRO C 45 -24.46 14.47 39.42
CA PRO C 45 -24.02 13.57 40.49
C PRO C 45 -24.99 12.44 40.82
N SER C 46 -26.26 12.60 40.48
CA SER C 46 -27.26 11.56 40.75
C SER C 46 -27.29 10.58 39.57
N PRO C 47 -27.52 9.29 39.86
CA PRO C 47 -27.57 8.27 38.81
C PRO C 47 -28.91 8.28 38.08
N CYS C 48 -28.87 7.92 36.80
CA CYS C 48 -30.06 7.88 35.97
C CYS C 48 -30.05 6.58 35.23
N GLN C 49 -31.21 6.20 34.70
CA GLN C 49 -31.35 4.98 33.93
C GLN C 49 -32.58 5.13 33.04
N SER C 50 -32.42 4.75 31.78
CA SER C 50 -33.51 4.83 30.82
C SER C 50 -33.94 3.44 30.39
N GLY C 51 -35.07 3.37 29.69
CA GLY C 51 -35.57 2.07 29.26
C GLY C 51 -36.28 1.37 30.39
N VAL C 52 -36.91 0.24 30.09
CA VAL C 52 -37.63 -0.51 31.11
C VAL C 52 -37.19 -1.96 31.20
N LYS C 53 -37.26 -2.67 30.08
CA LYS C 53 -36.88 -4.08 30.04
C LYS C 53 -35.39 -4.29 29.85
N PRO C 54 -34.73 -4.97 30.81
CA PRO C 54 -33.28 -5.23 30.73
C PRO C 54 -32.99 -6.27 29.64
N CYS C 55 -31.85 -6.12 28.98
CA CYS C 55 -31.44 -7.02 27.91
C CYS C 55 -29.92 -6.99 27.76
N GLY C 56 -29.38 -7.85 26.92
CA GLY C 56 -27.94 -7.89 26.71
C GLY C 56 -27.19 -7.76 28.03
N SER C 57 -26.11 -7.00 28.03
CA SER C 57 -25.34 -6.80 29.25
C SER C 57 -25.41 -5.36 29.69
N GLY C 58 -26.13 -5.10 30.78
CA GLY C 58 -26.28 -3.75 31.29
C GLY C 58 -27.11 -2.89 30.39
N GLY C 59 -27.85 -3.53 29.50
CA GLY C 59 -28.69 -2.78 28.58
C GLY C 59 -30.17 -2.88 28.86
N ARG C 60 -30.92 -2.04 28.17
CA ARG C 60 -32.37 -1.99 28.29
C ARG C 60 -32.93 -1.69 26.91
N CYS C 61 -34.12 -2.20 26.62
CA CYS C 61 -34.70 -1.96 25.32
C CYS C 61 -34.89 -0.48 25.08
N ALA C 62 -34.32 0.00 23.97
CA ALA C 62 -34.38 1.41 23.62
C ALA C 62 -35.36 1.69 22.46
N ALA C 63 -35.58 0.70 21.62
CA ALA C 63 -36.50 0.87 20.49
C ALA C 63 -36.86 -0.46 19.88
N ALA C 64 -37.81 -0.44 18.95
CA ALA C 64 -38.28 -1.64 18.26
C ALA C 64 -37.14 -2.56 17.82
N GLY C 65 -36.82 -3.54 18.65
CA GLY C 65 -35.77 -4.49 18.31
C GLY C 65 -34.36 -4.09 18.69
N ILE C 66 -34.21 -3.02 19.46
CA ILE C 66 -32.87 -2.57 19.85
C ILE C 66 -32.62 -2.49 21.34
N CYS C 67 -31.50 -3.06 21.77
CA CYS C 67 -31.13 -3.06 23.18
C CYS C 67 -29.88 -2.20 23.33
N CYS C 68 -29.96 -1.17 24.15
CA CYS C 68 -28.79 -0.32 24.34
C CYS C 68 -28.28 -0.25 25.75
N SER C 69 -26.97 -0.09 25.86
CA SER C 69 -26.27 0.05 27.12
C SER C 69 -25.62 1.42 27.02
N PRO C 70 -25.04 1.92 28.12
CA PRO C 70 -24.39 3.24 28.11
C PRO C 70 -23.28 3.39 27.07
N ASP C 71 -22.89 2.29 26.42
CA ASP C 71 -21.85 2.40 25.41
C ASP C 71 -22.03 1.55 24.16
N GLY C 72 -23.28 1.26 23.81
CA GLY C 72 -23.54 0.48 22.62
C GLY C 72 -25.00 0.09 22.46
N CYS C 73 -25.40 -0.15 21.22
CA CYS C 73 -26.75 -0.61 20.91
C CYS C 73 -26.60 -1.81 19.98
N HIS C 74 -27.40 -2.83 20.20
CA HIS C 74 -27.33 -4.02 19.35
C HIS C 74 -28.74 -4.41 18.91
N GLU C 75 -28.84 -5.08 17.77
CA GLU C 75 -30.12 -5.53 17.25
C GLU C 75 -30.51 -6.73 18.11
N ASP C 76 -31.31 -6.50 19.14
CA ASP C 76 -31.74 -7.56 20.06
C ASP C 76 -33.20 -7.96 19.86
N PRO C 77 -33.43 -9.22 19.44
CA PRO C 77 -34.80 -9.69 19.24
C PRO C 77 -35.62 -9.65 20.53
N ALA C 78 -34.94 -9.82 21.65
CA ALA C 78 -35.60 -9.81 22.95
C ALA C 78 -36.27 -8.45 23.23
N CYS C 79 -36.11 -7.51 22.29
CA CYS C 79 -36.69 -6.17 22.44
C CYS C 79 -37.81 -5.85 21.45
N ASP C 80 -38.36 -6.87 20.80
CA ASP C 80 -39.43 -6.66 19.84
C ASP C 80 -40.78 -6.51 20.55
N PRO C 81 -41.63 -5.59 20.06
CA PRO C 81 -42.96 -5.34 20.63
C PRO C 81 -43.76 -6.61 20.92
N VAL D 1 -15.52 -8.06 -1.84
CA VAL D 1 -16.69 -7.25 -1.43
C VAL D 1 -16.73 -5.91 -2.16
N ARG D 2 -17.67 -5.07 -1.74
CA ARG D 2 -17.86 -3.74 -2.30
C ARG D 2 -18.53 -2.93 -1.19
N THR D 3 -18.33 -1.62 -1.18
CA THR D 3 -18.94 -0.79 -0.15
C THR D 3 -20.44 -0.90 -0.27
N CYS D 4 -21.14 -0.59 0.83
CA CYS D 4 -22.59 -0.65 0.82
C CYS D 4 -23.19 0.68 0.36
N LEU D 5 -24.52 0.71 0.27
CA LEU D 5 -25.25 1.89 -0.18
C LEU D 5 -25.04 3.17 0.64
N PRO D 6 -25.08 4.33 -0.04
CA PRO D 6 -24.91 5.62 0.64
C PRO D 6 -26.19 5.88 1.39
N CYS D 7 -26.14 6.70 2.44
CA CYS D 7 -27.33 6.98 3.22
C CYS D 7 -27.06 8.18 4.13
N GLY D 8 -28.06 8.58 4.89
CA GLY D 8 -27.92 9.69 5.82
C GLY D 8 -28.00 11.06 5.20
N PRO D 9 -27.80 12.12 6.00
CA PRO D 9 -27.84 13.52 5.55
C PRO D 9 -26.85 13.81 4.42
N GLY D 10 -27.34 14.44 3.36
CA GLY D 10 -26.50 14.77 2.23
C GLY D 10 -25.75 13.55 1.69
N GLY D 11 -26.23 12.36 2.05
CA GLY D 11 -25.60 11.14 1.59
C GLY D 11 -24.16 10.99 2.08
N LYS D 12 -23.80 11.73 3.12
CA LYS D 12 -22.46 11.68 3.67
C LYS D 12 -22.20 10.39 4.45
N GLY D 13 -23.19 9.49 4.45
CA GLY D 13 -23.02 8.24 5.17
C GLY D 13 -23.10 6.97 4.35
N ARG D 14 -22.73 5.86 4.97
CA ARG D 14 -22.75 4.56 4.31
C ARG D 14 -23.42 3.52 5.19
N CYS D 15 -24.08 2.55 4.58
CA CYS D 15 -24.76 1.50 5.33
C CYS D 15 -23.81 0.49 5.95
N PHE D 16 -23.98 0.21 7.24
CA PHE D 16 -23.15 -0.80 7.90
C PHE D 16 -24.04 -1.97 8.24
N GLY D 17 -25.31 -1.87 7.85
CA GLY D 17 -26.26 -2.92 8.14
C GLY D 17 -27.65 -2.53 7.70
N PRO D 18 -28.62 -3.44 7.78
CA PRO D 18 -30.02 -3.17 7.39
C PRO D 18 -30.60 -1.88 7.97
N SER D 19 -30.44 -1.69 9.28
CA SER D 19 -30.96 -0.50 9.94
C SER D 19 -29.85 0.37 10.55
N ILE D 20 -28.69 0.40 9.89
CA ILE D 20 -27.58 1.19 10.39
C ILE D 20 -26.89 1.98 9.29
N CYS D 21 -26.69 3.27 9.56
CA CYS D 21 -26.05 4.17 8.63
C CYS D 21 -25.11 5.07 9.40
N CYS D 22 -23.82 5.05 9.07
CA CYS D 22 -22.86 5.89 9.78
C CYS D 22 -22.06 6.79 8.86
N GLY D 23 -21.24 7.63 9.47
CA GLY D 23 -20.40 8.56 8.73
C GLY D 23 -19.64 9.45 9.70
N ASP D 24 -18.36 9.66 9.44
CA ASP D 24 -17.53 10.48 10.31
C ASP D 24 -18.12 11.84 10.59
N GLU D 25 -18.87 12.37 9.63
CA GLU D 25 -19.50 13.68 9.80
C GLU D 25 -20.89 13.52 10.43
N LEU D 26 -21.46 12.32 10.30
CA LEU D 26 -22.80 12.08 10.82
C LEU D 26 -22.89 11.39 12.18
N GLY D 27 -22.16 10.31 12.33
CA GLY D 27 -22.24 9.55 13.54
C GLY D 27 -22.91 8.28 13.04
N CYS D 28 -23.79 7.68 13.83
CA CYS D 28 -24.46 6.46 13.38
C CYS D 28 -25.97 6.46 13.63
N PHE D 29 -26.74 6.20 12.59
CA PHE D 29 -28.18 6.15 12.72
C PHE D 29 -28.60 4.70 12.78
N VAL D 30 -29.05 4.29 13.97
CA VAL D 30 -29.49 2.91 14.17
C VAL D 30 -31.00 2.79 14.25
N GLY D 31 -31.60 2.22 13.21
CA GLY D 31 -33.04 2.04 13.17
C GLY D 31 -33.86 3.31 13.00
N THR D 32 -33.20 4.43 12.77
CA THR D 32 -33.95 5.68 12.59
C THR D 32 -34.33 5.81 11.12
N ALA D 33 -35.04 6.89 10.81
CA ALA D 33 -35.48 7.17 9.46
C ALA D 33 -34.31 7.24 8.48
N GLU D 34 -33.21 7.85 8.90
CA GLU D 34 -32.04 7.98 8.06
C GLU D 34 -31.53 6.64 7.49
N ALA D 35 -31.45 5.63 8.35
CA ALA D 35 -30.95 4.31 7.96
C ALA D 35 -31.95 3.37 7.33
N LEU D 36 -33.06 3.89 6.80
CA LEU D 36 -34.04 3.01 6.20
C LEU D 36 -33.70 2.52 4.79
N ARG D 37 -33.01 3.35 4.02
CA ARG D 37 -32.62 2.97 2.67
C ARG D 37 -31.77 1.70 2.74
N CYS D 38 -31.00 1.59 3.81
CA CYS D 38 -30.11 0.46 4.06
C CYS D 38 -30.78 -0.90 4.06
N GLN D 39 -32.10 -0.92 4.04
CA GLN D 39 -32.85 -2.18 4.04
C GLN D 39 -32.80 -2.86 2.69
N GLU D 40 -32.72 -2.06 1.63
CA GLU D 40 -32.67 -2.56 0.26
C GLU D 40 -31.49 -3.50 0.01
N GLU D 41 -30.38 -3.24 0.69
CA GLU D 41 -29.17 -4.06 0.54
C GLU D 41 -29.47 -5.54 0.66
N ASN D 42 -30.48 -5.88 1.46
CA ASN D 42 -30.89 -7.26 1.68
C ASN D 42 -31.49 -7.92 0.44
N TYR D 43 -31.63 -7.15 -0.64
CA TYR D 43 -32.20 -7.69 -1.86
C TYR D 43 -31.20 -7.77 -3.00
N LEU D 44 -29.96 -7.41 -2.71
CA LEU D 44 -28.89 -7.45 -3.69
C LEU D 44 -28.05 -8.68 -3.35
N PRO D 45 -27.73 -9.50 -4.36
CA PRO D 45 -26.92 -10.72 -4.17
C PRO D 45 -25.45 -10.52 -3.83
N SER D 46 -24.84 -9.49 -4.42
CA SER D 46 -23.42 -9.20 -4.19
C SER D 46 -23.13 -8.66 -2.79
N PRO D 47 -22.21 -9.33 -2.06
CA PRO D 47 -21.83 -8.93 -0.70
C PRO D 47 -21.23 -7.54 -0.64
N CYS D 48 -21.68 -6.75 0.34
CA CYS D 48 -21.16 -5.40 0.51
C CYS D 48 -20.48 -5.31 1.87
N GLN D 49 -19.55 -4.37 2.00
CA GLN D 49 -18.81 -4.15 3.23
C GLN D 49 -18.49 -2.67 3.32
N SER D 50 -18.81 -2.05 4.45
CA SER D 50 -18.55 -0.62 4.64
C SER D 50 -17.48 -0.35 5.67
N GLY D 51 -16.76 0.75 5.48
CA GLY D 51 -15.72 1.13 6.39
C GLY D 51 -14.42 0.36 6.30
N VAL D 52 -13.34 1.01 6.71
CA VAL D 52 -12.01 0.40 6.71
C VAL D 52 -11.60 0.20 8.15
N LYS D 53 -10.71 -0.75 8.37
CA LYS D 53 -10.21 -1.06 9.70
C LYS D 53 -11.21 -1.83 10.54
N PRO D 54 -10.89 -3.08 10.87
CA PRO D 54 -11.79 -3.89 11.69
C PRO D 54 -11.69 -3.51 13.17
N CYS D 55 -12.74 -3.86 13.91
CA CYS D 55 -12.82 -3.60 15.35
C CYS D 55 -13.88 -4.56 15.88
N GLY D 56 -13.93 -4.75 17.19
CA GLY D 56 -14.90 -5.67 17.76
C GLY D 56 -14.78 -7.03 17.12
N SER D 57 -15.87 -7.79 17.09
CA SER D 57 -15.84 -9.11 16.48
C SER D 57 -16.64 -9.10 15.18
N GLY D 58 -15.98 -8.73 14.09
CA GLY D 58 -16.65 -8.69 12.80
C GLY D 58 -17.19 -7.31 12.52
N GLY D 59 -16.56 -6.29 13.09
CA GLY D 59 -17.00 -4.93 12.88
C GLY D 59 -15.94 -4.04 12.26
N ARG D 60 -16.32 -2.82 11.94
CA ARG D 60 -15.39 -1.87 11.35
C ARG D 60 -15.73 -0.46 11.82
N CYS D 61 -14.71 0.35 12.06
CA CYS D 61 -14.93 1.71 12.52
C CYS D 61 -15.87 2.42 11.57
N ALA D 62 -16.98 2.87 12.11
CA ALA D 62 -18.02 3.55 11.34
C ALA D 62 -17.98 5.05 11.53
N ALA D 63 -17.60 5.47 12.73
CA ALA D 63 -17.52 6.90 13.07
C ALA D 63 -16.50 7.07 14.19
N ALA D 64 -16.29 8.31 14.62
CA ALA D 64 -15.32 8.57 15.67
C ALA D 64 -15.63 7.78 16.92
N GLY D 65 -14.76 6.83 17.25
CA GLY D 65 -14.95 6.02 18.44
C GLY D 65 -16.08 5.00 18.39
N ILE D 66 -16.74 4.89 17.25
CA ILE D 66 -17.84 3.95 17.12
C ILE D 66 -17.57 2.78 16.19
N CYS D 67 -17.68 1.57 16.72
CA CYS D 67 -17.48 0.36 15.94
C CYS D 67 -18.85 -0.23 15.63
N CYS D 68 -19.02 -0.78 14.44
CA CYS D 68 -20.31 -1.36 14.07
C CYS D 68 -20.19 -2.61 13.21
N SER D 69 -21.09 -3.55 13.46
CA SER D 69 -21.16 -4.78 12.70
C SER D 69 -22.50 -4.64 11.99
N PRO D 70 -22.85 -5.57 11.09
CA PRO D 70 -24.13 -5.48 10.38
C PRO D 70 -25.37 -5.34 11.25
N ASP D 71 -25.25 -5.62 12.55
CA ASP D 71 -26.40 -5.50 13.42
C ASP D 71 -26.12 -4.85 14.78
N GLY D 72 -25.21 -3.87 14.82
CA GLY D 72 -24.93 -3.22 16.08
C GLY D 72 -23.71 -2.33 16.06
N CYS D 73 -23.69 -1.36 16.97
CA CYS D 73 -22.57 -0.44 17.09
C CYS D 73 -22.23 -0.37 18.56
N HIS D 74 -21.03 0.09 18.88
CA HIS D 74 -20.60 0.21 20.27
C HIS D 74 -19.33 1.03 20.38
N GLU D 75 -19.19 1.69 21.53
CA GLU D 75 -18.02 2.52 21.78
C GLU D 75 -16.80 1.62 21.72
N ASP D 76 -15.79 2.06 20.98
CA ASP D 76 -14.56 1.32 20.84
C ASP D 76 -13.46 2.35 20.60
N PRO D 77 -12.57 2.54 21.60
CA PRO D 77 -11.48 3.51 21.49
C PRO D 77 -10.60 3.33 20.26
N ALA D 78 -10.46 2.09 19.80
CA ALA D 78 -9.65 1.79 18.63
C ALA D 78 -10.18 2.53 17.40
N CYS D 79 -11.35 3.14 17.54
CA CYS D 79 -11.98 3.87 16.45
C CYS D 79 -11.94 5.38 16.64
N ASP D 80 -11.13 5.85 17.59
CA ASP D 80 -10.98 7.27 17.84
C ASP D 80 -9.89 7.80 16.91
N PRO D 81 -9.92 9.10 16.59
CA PRO D 81 -8.92 9.74 15.72
C PRO D 81 -7.46 9.51 16.13
N VAL E 1 -6.00 -9.89 2.10
CA VAL E 1 -4.97 -9.20 1.27
C VAL E 1 -4.13 -8.27 2.12
N ARG E 2 -4.67 -7.90 3.28
CA ARG E 2 -4.01 -6.99 4.23
C ARG E 2 -4.01 -5.54 3.72
N THR E 3 -4.57 -4.63 4.52
CA THR E 3 -4.66 -3.24 4.13
C THR E 3 -3.36 -2.48 4.32
N CYS E 4 -3.14 -1.47 3.48
CA CYS E 4 -1.95 -0.65 3.57
C CYS E 4 -2.07 0.30 4.77
N LEU E 5 -1.04 1.11 4.97
CA LEU E 5 -1.01 2.03 6.10
C LEU E 5 -2.02 3.16 6.12
N PRO E 6 -2.39 3.59 7.35
CA PRO E 6 -3.33 4.70 7.51
C PRO E 6 -2.51 5.97 7.24
N CYS E 7 -3.15 7.06 6.84
CA CYS E 7 -2.41 8.28 6.51
C CYS E 7 -3.32 9.49 6.46
N GLY E 8 -2.72 10.67 6.33
CA GLY E 8 -3.50 11.89 6.26
C GLY E 8 -4.34 12.27 7.47
N PRO E 9 -5.16 13.33 7.34
CA PRO E 9 -6.05 13.86 8.39
C PRO E 9 -6.69 12.80 9.29
N GLY E 10 -6.23 12.74 10.54
CA GLY E 10 -6.75 11.78 11.50
C GLY E 10 -6.75 10.33 11.04
N GLY E 11 -5.66 9.92 10.37
CA GLY E 11 -5.55 8.55 9.89
C GLY E 11 -6.77 8.07 9.12
N LYS E 12 -7.52 9.02 8.58
CA LYS E 12 -8.73 8.69 7.83
C LYS E 12 -8.43 8.16 6.43
N GLY E 13 -7.23 8.39 5.93
CA GLY E 13 -6.90 7.90 4.60
C GLY E 13 -6.11 6.60 4.63
N ARG E 14 -5.95 6.00 3.47
CA ARG E 14 -5.17 4.78 3.36
C ARG E 14 -4.21 4.94 2.19
N CYS E 15 -3.00 4.41 2.35
CA CYS E 15 -1.99 4.49 1.32
C CYS E 15 -2.34 3.60 0.15
N PHE E 16 -2.31 4.15 -1.06
CA PHE E 16 -2.58 3.36 -2.25
C PHE E 16 -1.28 3.21 -3.05
N GLY E 17 -0.29 3.99 -2.66
CA GLY E 17 1.00 3.95 -3.32
C GLY E 17 2.03 4.62 -2.42
N PRO E 18 3.34 4.45 -2.69
CA PRO E 18 4.36 5.07 -1.85
C PRO E 18 4.12 6.55 -1.55
N SER E 19 3.51 7.29 -2.46
CA SER E 19 3.26 8.72 -2.20
C SER E 19 1.83 9.13 -2.55
N ILE E 20 0.90 8.21 -2.31
CA ILE E 20 -0.52 8.47 -2.57
C ILE E 20 -1.36 8.03 -1.37
N CYS E 21 -2.08 8.99 -0.79
CA CYS E 21 -2.94 8.74 0.37
C CYS E 21 -4.38 9.14 0.02
N CYS E 22 -5.30 8.19 0.16
CA CYS E 22 -6.68 8.48 -0.20
C CYS E 22 -7.70 8.07 0.83
N GLY E 23 -8.72 8.91 0.96
CA GLY E 23 -9.80 8.63 1.88
C GLY E 23 -11.08 8.83 1.10
N ASP E 24 -12.10 8.05 1.43
CA ASP E 24 -13.40 8.12 0.76
C ASP E 24 -13.99 9.53 0.81
N GLU E 25 -14.00 10.11 2.00
CA GLU E 25 -14.51 11.46 2.19
C GLU E 25 -13.35 12.41 2.48
N LEU E 26 -12.24 12.19 1.78
CA LEU E 26 -11.04 12.99 1.93
C LEU E 26 -10.46 13.33 0.57
N GLY E 27 -10.56 12.37 -0.35
CA GLY E 27 -9.99 12.57 -1.67
C GLY E 27 -8.61 11.93 -1.66
N CYS E 28 -7.79 12.30 -2.63
CA CYS E 28 -6.46 11.72 -2.70
C CYS E 28 -5.30 12.69 -2.61
N PHE E 29 -4.35 12.36 -1.75
CA PHE E 29 -3.17 13.20 -1.64
C PHE E 29 -2.08 12.48 -2.44
N VAL E 30 -1.63 13.12 -3.52
CA VAL E 30 -0.61 12.56 -4.37
C VAL E 30 0.64 13.42 -4.34
N GLY E 31 1.65 12.95 -3.61
CA GLY E 31 2.90 13.68 -3.50
C GLY E 31 2.88 14.86 -2.52
N THR E 32 1.84 14.95 -1.70
CA THR E 32 1.73 16.04 -0.74
C THR E 32 2.22 15.55 0.62
N ALA E 33 2.23 16.44 1.61
CA ALA E 33 2.71 16.08 2.94
C ALA E 33 1.96 14.90 3.57
N GLU E 34 0.65 14.84 3.33
CA GLU E 34 -0.17 13.76 3.87
C GLU E 34 0.25 12.37 3.39
N ALA E 35 0.96 12.31 2.26
CA ALA E 35 1.34 11.03 1.69
C ALA E 35 2.77 10.60 2.01
N LEU E 36 3.55 11.47 2.63
CA LEU E 36 4.94 11.17 2.96
C LEU E 36 5.07 9.87 3.73
N ARG E 37 4.18 9.66 4.69
CA ARG E 37 4.20 8.45 5.49
C ARG E 37 4.00 7.17 4.69
N CYS E 38 3.39 7.27 3.51
CA CYS E 38 3.14 6.08 2.72
C CYS E 38 4.40 5.40 2.21
N GLN E 39 5.55 6.06 2.36
CA GLN E 39 6.80 5.46 1.91
C GLN E 39 7.28 4.35 2.84
N GLU E 40 6.87 4.39 4.11
CA GLU E 40 7.24 3.35 5.08
C GLU E 40 6.97 2.01 4.42
N GLU E 41 5.74 1.87 3.93
CA GLU E 41 5.25 0.67 3.28
C GLU E 41 6.25 0.02 2.33
N ASN E 42 7.06 0.82 1.67
CA ASN E 42 8.03 0.27 0.73
C ASN E 42 9.09 -0.62 1.39
N TYR E 43 9.23 -0.50 2.71
CA TYR E 43 10.20 -1.28 3.45
C TYR E 43 9.61 -2.41 4.27
N LEU E 44 8.28 -2.55 4.23
CA LEU E 44 7.62 -3.62 4.98
C LEU E 44 7.57 -4.85 4.11
N PRO E 45 7.93 -6.02 4.69
CA PRO E 45 7.97 -7.34 4.04
C PRO E 45 6.75 -7.91 3.32
N SER E 46 5.55 -7.69 3.86
CA SER E 46 4.36 -8.26 3.21
C SER E 46 3.65 -7.29 2.29
N PRO E 47 2.88 -7.82 1.34
CA PRO E 47 2.14 -6.99 0.38
C PRO E 47 0.87 -6.47 1.04
N CYS E 48 0.39 -5.32 0.57
CA CYS E 48 -0.84 -4.72 1.08
C CYS E 48 -1.63 -4.15 -0.10
N GLN E 49 -2.92 -3.98 0.10
CA GLN E 49 -3.78 -3.41 -0.94
C GLN E 49 -4.81 -2.56 -0.21
N SER E 50 -5.17 -1.41 -0.79
CA SER E 50 -6.10 -0.52 -0.10
C SER E 50 -7.53 -0.34 -0.59
N GLY E 51 -7.77 -0.47 -1.89
CA GLY E 51 -9.15 -0.29 -2.34
C GLY E 51 -10.05 -1.47 -2.02
N VAL E 52 -11.18 -1.54 -2.71
CA VAL E 52 -12.12 -2.64 -2.52
C VAL E 52 -12.60 -3.11 -3.89
N LYS E 53 -12.76 -2.15 -4.80
CA LYS E 53 -13.23 -2.43 -6.15
C LYS E 53 -12.22 -2.10 -7.23
N PRO E 54 -11.76 -3.12 -7.97
CA PRO E 54 -10.78 -2.99 -9.06
C PRO E 54 -11.25 -2.04 -10.15
N CYS E 55 -10.30 -1.34 -10.77
CA CYS E 55 -10.60 -0.36 -11.82
C CYS E 55 -9.36 -0.04 -12.62
N GLY E 56 -9.56 0.48 -13.84
CA GLY E 56 -8.44 0.81 -14.68
C GLY E 56 -7.47 -0.35 -14.75
N SER E 57 -6.17 -0.05 -14.77
CA SER E 57 -5.17 -1.10 -14.81
C SER E 57 -4.53 -1.28 -13.43
N GLY E 58 -4.82 -2.40 -12.79
CA GLY E 58 -4.25 -2.67 -11.48
C GLY E 58 -4.58 -1.61 -10.45
N GLY E 59 -5.60 -0.80 -10.74
CA GLY E 59 -5.99 0.24 -9.81
C GLY E 59 -7.21 -0.15 -8.99
N ARG E 60 -7.48 0.64 -7.97
CA ARG E 60 -8.65 0.39 -7.12
C ARG E 60 -9.32 1.71 -6.77
N CYS E 61 -10.63 1.68 -6.55
CA CYS E 61 -11.36 2.88 -6.21
C CYS E 61 -10.87 3.37 -4.85
N ALA E 62 -10.29 4.56 -4.84
CA ALA E 62 -9.73 5.12 -3.61
C ALA E 62 -10.57 6.22 -2.96
N ALA E 63 -11.33 6.93 -3.78
CA ALA E 63 -12.19 8.01 -3.33
C ALA E 63 -13.35 8.14 -4.31
N ALA E 64 -14.33 8.97 -3.96
CA ALA E 64 -15.49 9.15 -4.84
C ALA E 64 -15.08 9.44 -6.27
N GLY E 65 -15.42 8.53 -7.17
CA GLY E 65 -15.11 8.73 -8.57
C GLY E 65 -13.64 8.80 -8.92
N ILE E 66 -12.80 8.21 -8.10
CA ILE E 66 -11.36 8.23 -8.33
C ILE E 66 -10.70 6.86 -8.20
N CYS E 67 -9.98 6.48 -9.26
CA CYS E 67 -9.29 5.21 -9.31
C CYS E 67 -7.78 5.42 -9.18
N CYS E 68 -7.14 4.70 -8.26
CA CYS E 68 -5.70 4.83 -8.10
C CYS E 68 -5.02 3.49 -8.11
N SER E 69 -3.77 3.51 -8.54
CA SER E 69 -2.89 2.36 -8.56
C SER E 69 -1.68 2.89 -7.79
N PRO E 70 -0.74 2.01 -7.46
CA PRO E 70 0.43 2.50 -6.72
C PRO E 70 1.12 3.76 -7.24
N ASP E 71 0.95 4.09 -8.52
CA ASP E 71 1.62 5.28 -9.05
C ASP E 71 0.72 6.26 -9.80
N GLY E 72 -0.56 6.30 -9.46
CA GLY E 72 -1.44 7.23 -10.13
C GLY E 72 -2.90 7.16 -9.74
N CYS E 73 -3.58 8.29 -9.94
CA CYS E 73 -5.00 8.41 -9.66
C CYS E 73 -5.65 9.15 -10.83
N HIS E 74 -6.81 8.69 -11.27
CA HIS E 74 -7.49 9.33 -12.38
C HIS E 74 -9.00 9.24 -12.19
N GLU E 75 -9.73 10.22 -12.72
CA GLU E 75 -11.18 10.23 -12.61
C GLU E 75 -11.68 8.94 -13.27
N ASP E 76 -12.67 8.30 -12.63
CA ASP E 76 -13.21 7.06 -13.15
C ASP E 76 -14.64 6.88 -12.65
N PRO E 77 -15.62 7.05 -13.56
CA PRO E 77 -17.05 6.91 -13.20
C PRO E 77 -17.40 5.57 -12.54
N ALA E 78 -16.59 4.54 -12.76
CA ALA E 78 -16.86 3.25 -12.15
C ALA E 78 -16.60 3.34 -10.65
N CYS E 79 -16.02 4.45 -10.22
CA CYS E 79 -15.70 4.62 -8.82
C CYS E 79 -16.65 5.57 -8.09
N ASP E 80 -17.69 6.03 -8.80
CA ASP E 80 -18.66 6.92 -8.19
C ASP E 80 -19.48 6.07 -7.21
N PRO E 81 -19.96 6.70 -6.13
CA PRO E 81 -20.77 5.98 -5.13
C PRO E 81 -22.06 5.36 -5.68
N PHE F . 15.35 -7.27 -0.76
CA PHE F . 15.80 -8.38 -1.64
C PHE F . 15.38 -8.09 -3.07
O PHE F . 14.44 -7.33 -3.31
CB PHE F . 15.20 -9.70 -1.15
CG PHE F . 13.74 -9.86 -1.42
CD1 PHE F . 13.29 -10.33 -2.66
CD2 PHE F . 12.81 -9.56 -0.43
CE1 PHE F . 11.92 -10.50 -2.90
CE2 PHE F . 11.43 -9.73 -0.66
CZ PHE F . 11.00 -10.19 -1.89
N TYR G . 16.05 -8.71 -4.04
CA TYR G . 15.73 -8.43 -5.43
C TYR G . 14.48 -9.10 -5.94
O TYR G . 13.57 -8.35 -6.36
CB TYR G . 16.92 -8.78 -6.33
CG TYR G . 18.13 -7.94 -6.04
CD1 TYR G . 19.20 -8.45 -5.29
CD2 TYR G . 18.18 -6.61 -6.45
CE1 TYR G . 20.28 -7.64 -4.95
CE2 TYR G . 19.25 -5.81 -6.13
CZ TYR G . 20.29 -6.33 -5.38
OH TYR G . 21.34 -5.51 -5.04
OXT TYR G . 14.41 -10.36 -5.92
N PHE H . 40.90 -7.04 -32.87
CA PHE H . 39.42 -7.00 -32.74
C PHE H . 38.96 -8.20 -31.91
O PHE H . 39.70 -9.16 -31.74
CB PHE H . 38.77 -7.05 -34.14
CG PHE H . 39.00 -8.36 -34.86
CD1 PHE H . 38.11 -9.42 -34.71
CD2 PHE H . 40.10 -8.53 -35.69
CE1 PHE H . 38.32 -10.64 -35.35
CE2 PHE H . 40.32 -9.75 -36.34
CZ PHE H . 39.43 -10.79 -36.18
N TYR I . 37.74 -8.14 -31.37
CA TYR I . 37.26 -9.26 -30.59
C TYR I . 36.79 -10.41 -31.47
O TYR I . 37.37 -11.51 -31.33
CB TYR I . 36.14 -8.84 -29.64
CG TYR I . 36.55 -7.71 -28.73
CD1 TYR I . 36.32 -6.38 -29.09
CD2 TYR I . 37.26 -7.96 -27.55
CE1 TYR I . 36.79 -5.35 -28.32
CE2 TYR I . 37.72 -6.92 -26.76
CZ TYR I . 37.48 -5.61 -27.15
OH TYR I . 37.98 -4.56 -26.42
OXT TYR I . 35.88 -10.19 -32.31
N PHE J . -25.48 11.05 36.19
CA PHE J . -24.59 10.10 35.43
C PHE J . -25.36 8.83 35.08
O PHE J . -26.42 8.57 35.65
CB PHE J . -23.35 9.77 36.27
CG PHE J . -23.62 8.95 37.50
CD1 PHE J . -23.64 7.56 37.44
CD2 PHE J . -23.83 9.56 38.73
CE1 PHE J . -23.85 6.78 38.58
CE2 PHE J . -24.05 8.81 39.89
CZ PHE J . -24.05 7.41 39.81
N TYR K . -24.84 8.05 34.15
CA TYR K . -25.51 6.82 33.73
C TYR K . -25.35 5.63 34.68
O TYR K . -26.32 4.84 34.78
CB TYR K . -25.06 6.43 32.33
CG TYR K . -25.45 7.45 31.28
CD1 TYR K . -24.61 8.51 30.96
CD2 TYR K . -26.72 7.39 30.68
CE1 TYR K . -25.01 9.51 30.07
CE2 TYR K . -27.13 8.39 29.79
CZ TYR K . -26.27 9.44 29.49
OH TYR K . -26.67 10.44 28.65
OXT TYR K . -24.27 5.48 35.29
N PHE L . -25.95 -7.72 -0.45
CA PHE L . -26.36 -7.90 0.97
C PHE L . -25.19 -7.61 1.91
O PHE L . -24.03 -7.53 1.49
CB PHE L . -26.87 -9.32 1.21
CG PHE L . -25.87 -10.41 0.87
CD1 PHE L . -24.64 -10.47 1.52
CD2 PHE L . -26.18 -11.38 -0.07
CE1 PHE L . -23.73 -11.49 1.23
CE2 PHE L . -25.28 -12.39 -0.37
CZ PHE L . -24.05 -12.45 0.28
N TYR M . -25.49 -7.48 3.20
CA TYR M . -24.44 -7.22 4.17
C TYR M . -23.66 -8.50 4.41
O TYR M . -22.51 -8.55 3.92
CB TYR M . -25.03 -6.69 5.47
CG TYR M . -25.70 -5.35 5.28
CD1 TYR M . -27.08 -5.25 5.11
CD2 TYR M . -24.94 -4.18 5.12
CE1 TYR M . -27.69 -4.05 4.77
CE2 TYR M . -25.53 -2.97 4.79
CZ TYR M . -26.91 -2.90 4.61
OH TYR M . -27.49 -1.72 4.23
OXT TYR M . -24.23 -9.42 5.03
N PHE N . 4.77 -3.83 1.67
CA PHE N . 5.01 -3.13 0.38
C PHE N . 3.73 -3.16 -0.46
O PHE N . 2.82 -3.95 -0.17
CB PHE N . 6.16 -3.79 -0.38
CG PHE N . 5.83 -5.17 -0.92
CD1 PHE N . 5.33 -5.32 -2.21
CD2 PHE N . 5.97 -6.29 -0.11
CE1 PHE N . 4.98 -6.59 -2.68
CE2 PHE N . 5.62 -7.56 -0.57
CZ PHE N . 5.12 -7.72 -1.86
N TYR O . 3.67 -2.33 -1.48
CA TYR O . 2.50 -2.26 -2.34
C TYR O . 2.48 -3.39 -3.36
O TYR O . 1.65 -4.30 -3.17
CB TYR O . 2.48 -0.91 -3.07
CG TYR O . 2.38 0.24 -2.12
CD1 TYR O . 3.50 1.01 -1.79
CD2 TYR O . 1.20 0.48 -1.42
CE1 TYR O . 3.44 1.98 -0.81
CE2 TYR O . 1.12 1.45 -0.43
CZ TYR O . 2.24 2.20 -0.12
OH TYR O . 2.16 3.15 0.87
OXT TYR O . 3.29 -3.35 -4.31
#